data_7QS2
#
_entry.id   7QS2
#
_cell.length_a   54.764
_cell.length_b   54.764
_cell.length_c   125.265
_cell.angle_alpha   90.000
_cell.angle_beta   90.000
_cell.angle_gamma   90.000
#
_symmetry.space_group_name_H-M   'P 41 21 2'
#
loop_
_entity.id
_entity.type
_entity.pdbx_description
1 polymer TRIM15
2 non-polymer 'IODIDE ION'
3 non-polymer 1,2-ETHANEDIOL
4 water water
#
_entity_poly.entity_id   1
_entity_poly.type   'polypeptide(L)'
_entity_poly.pdbx_seq_one_letter_code
;SMLEIDSGVITLDPQTASRSLVLSEDRKSVRYTRQKKNLPDSPLRFDGLPAVLGFPGFSSGRHRWQVDLQLGDGGGCTVG
VAGEGVRRKGEMGLSAEDGVWAVIISHQQCWASTSPGTDLPLSEIPRGVRVALDYEAGQVTLHNAQTQEPIFTFTASFSG
KVFPFFAVWKKGSCLTLKG
;
_entity_poly.pdbx_strand_id   A
#
# COMPACT_ATOMS: atom_id res chain seq x y z
N GLY A 8 8.64 14.40 4.51
CA GLY A 8 9.40 13.35 5.29
C GLY A 8 9.69 12.13 4.42
N VAL A 9 10.97 11.78 4.33
CA VAL A 9 11.49 10.69 3.44
C VAL A 9 10.85 9.36 3.85
N ILE A 10 10.04 8.78 2.99
CA ILE A 10 9.59 7.37 3.18
C ILE A 10 10.38 6.51 2.21
N THR A 11 10.85 5.35 2.68
CA THR A 11 11.44 4.34 1.81
C THR A 11 10.77 2.99 2.09
N LEU A 12 11.00 2.06 1.19
CA LEU A 12 10.50 0.69 1.26
C LEU A 12 11.45 -0.13 2.13
N ASP A 13 10.87 -0.91 3.03
CA ASP A 13 11.67 -1.63 4.05
C ASP A 13 11.99 -2.99 3.53
N PRO A 14 13.25 -3.27 3.11
CA PRO A 14 13.56 -4.55 2.51
C PRO A 14 13.30 -5.75 3.41
N GLN A 15 13.39 -5.56 4.73
CA GLN A 15 13.26 -6.67 5.66
C GLN A 15 11.81 -7.14 5.73
N THR A 16 10.82 -6.39 5.18
CA THR A 16 9.41 -6.80 5.16
C THR A 16 8.98 -7.29 3.77
N ALA A 17 9.79 -7.04 2.76
CA ALA A 17 9.38 -7.24 1.37
C ALA A 17 9.20 -8.73 1.08
N SER A 18 8.08 -9.07 0.48
CA SER A 18 7.84 -10.40 -0.11
C SER A 18 9.00 -10.75 -1.08
N ARG A 19 9.32 -12.02 -1.17
CA ARG A 19 10.31 -12.54 -2.15
C ARG A 19 9.80 -12.27 -3.57
N SER A 20 8.51 -11.98 -3.75
CA SER A 20 7.92 -11.66 -5.09
C SER A 20 8.20 -10.21 -5.50
N LEU A 21 8.95 -9.45 -4.71
CA LEU A 21 9.17 -8.00 -4.90
C LEU A 21 10.66 -7.72 -5.03
N VAL A 22 11.01 -6.93 -6.03
CA VAL A 22 12.39 -6.43 -6.25
C VAL A 22 12.42 -4.94 -5.93
N LEU A 23 12.99 -4.56 -4.80
CA LEU A 23 13.15 -3.15 -4.44
C LEU A 23 14.31 -2.58 -5.24
N SER A 24 14.18 -1.33 -5.69
CA SER A 24 15.28 -0.61 -6.34
C SER A 24 16.42 -0.34 -5.36
N GLU A 25 17.60 -0.01 -5.88
CA GLU A 25 18.74 0.28 -4.99
C GLU A 25 18.42 1.48 -4.06
N ASP A 26 17.67 2.50 -4.52
CA ASP A 26 17.33 3.66 -3.66
C ASP A 26 16.12 3.34 -2.74
N ARG A 27 15.55 2.14 -2.82
CA ARG A 27 14.42 1.68 -1.98
C ARG A 27 13.23 2.63 -2.13
N LYS A 28 13.13 3.30 -3.28
CA LYS A 28 11.92 4.11 -3.56
C LYS A 28 11.00 3.47 -4.58
N SER A 29 11.38 2.41 -5.26
CA SER A 29 10.48 1.73 -6.21
CA SER A 29 10.56 1.73 -6.28
C SER A 29 10.54 0.23 -6.01
N VAL A 30 9.57 -0.43 -6.53
CA VAL A 30 9.43 -1.89 -6.32
C VAL A 30 8.71 -2.45 -7.54
N ARG A 31 9.18 -3.59 -8.06
CA ARG A 31 8.45 -4.27 -9.13
C ARG A 31 8.20 -5.71 -8.68
N TYR A 32 7.13 -6.28 -9.20
CA TYR A 32 6.80 -7.69 -9.01
C TYR A 32 7.76 -8.53 -9.83
N THR A 33 8.14 -9.68 -9.29
CA THR A 33 8.92 -10.66 -10.06
C THR A 33 8.23 -12.02 -9.94
N ARG A 34 8.12 -12.72 -11.06
CA ARG A 34 7.59 -14.10 -11.08
C ARG A 34 8.63 -15.06 -10.49
N GLN A 35 9.90 -14.74 -10.58
CA GLN A 35 10.99 -15.52 -9.98
C GLN A 35 11.34 -14.91 -8.63
N LYS A 36 11.13 -15.65 -7.55
CA LYS A 36 11.29 -15.11 -6.17
C LYS A 36 12.78 -14.78 -5.91
N LYS A 37 13.03 -13.65 -5.26
CA LYS A 37 14.35 -13.30 -4.71
C LYS A 37 14.65 -14.20 -3.51
N ASN A 38 15.93 -14.40 -3.25
CA ASN A 38 16.39 -15.25 -2.17
C ASN A 38 16.50 -14.44 -0.87
N LEU A 39 15.45 -13.75 -0.48
CA LEU A 39 15.45 -12.93 0.76
C LEU A 39 15.38 -13.86 1.94
N PRO A 40 16.10 -13.54 3.03
CA PRO A 40 16.13 -14.41 4.19
C PRO A 40 14.78 -14.46 4.93
N ASP A 41 14.43 -15.63 5.41
CA ASP A 41 13.21 -15.85 6.23
C ASP A 41 13.20 -14.92 7.44
N SER A 42 12.05 -14.35 7.70
CA SER A 42 11.81 -13.51 8.87
C SER A 42 10.34 -13.56 9.21
N PRO A 43 9.99 -13.42 10.48
CA PRO A 43 8.59 -13.32 10.87
C PRO A 43 7.97 -12.02 10.36
N LEU A 44 8.78 -11.00 10.04
CA LEU A 44 8.27 -9.69 9.59
C LEU A 44 7.99 -9.70 8.09
N ARG A 45 8.50 -10.68 7.35
CA ARG A 45 8.50 -10.66 5.90
C ARG A 45 7.15 -11.15 5.36
N PHE A 46 6.51 -10.37 4.51
CA PHE A 46 5.30 -10.86 3.79
C PHE A 46 5.63 -12.14 3.03
N ASP A 47 4.79 -13.15 3.20
CA ASP A 47 4.90 -14.46 2.50
C ASP A 47 3.50 -14.96 2.20
N GLY A 48 3.05 -14.73 0.96
CA GLY A 48 1.71 -15.07 0.45
C GLY A 48 1.06 -13.90 -0.27
N LEU A 49 1.32 -12.67 0.17
CA LEU A 49 0.92 -11.43 -0.52
C LEU A 49 2.19 -10.71 -0.96
N PRO A 50 2.24 -10.21 -2.21
CA PRO A 50 3.40 -9.49 -2.73
C PRO A 50 3.43 -8.07 -2.20
N ALA A 51 3.72 -7.95 -0.90
CA ALA A 51 3.56 -6.72 -0.13
C ALA A 51 4.87 -6.32 0.58
N VAL A 52 4.95 -5.06 0.93
CA VAL A 52 6.11 -4.45 1.62
C VAL A 52 5.61 -3.25 2.43
N LEU A 53 6.16 -3.02 3.62
CA LEU A 53 5.90 -1.81 4.40
C LEU A 53 6.90 -0.72 4.00
N GLY A 54 6.47 0.50 4.16
CA GLY A 54 7.36 1.65 4.19
C GLY A 54 8.07 1.76 5.53
N PHE A 55 9.02 2.69 5.58
CA PHE A 55 9.74 3.10 6.78
C PHE A 55 9.93 4.60 6.65
N PRO A 56 9.69 5.42 7.70
CA PRO A 56 9.32 4.92 9.03
C PRO A 56 7.81 4.63 9.13
N GLY A 57 7.39 4.12 10.28
CA GLY A 57 5.98 4.13 10.71
C GLY A 57 5.69 5.33 11.60
N PHE A 58 4.43 5.53 11.95
CA PHE A 58 3.94 6.78 12.59
C PHE A 58 3.08 6.39 13.77
N SER A 59 3.30 7.08 14.90
CA SER A 59 2.58 6.91 16.19
CA SER A 59 2.47 6.87 16.13
C SER A 59 1.72 8.15 16.47
N SER A 60 1.88 9.18 15.66
CA SER A 60 1.26 10.52 15.85
C SER A 60 1.46 11.35 14.59
N GLY A 61 0.68 12.41 14.46
CA GLY A 61 0.92 13.50 13.51
C GLY A 61 0.26 13.26 12.16
N ARG A 62 0.44 14.24 11.28
CA ARG A 62 -0.05 14.22 9.89
C ARG A 62 1.12 13.91 8.96
N HIS A 63 0.89 13.07 7.97
CA HIS A 63 1.94 12.55 7.07
C HIS A 63 1.31 12.38 5.69
N ARG A 64 2.05 12.71 4.63
CA ARG A 64 1.55 12.55 3.26
C ARG A 64 2.65 11.96 2.41
N TRP A 65 2.28 11.23 1.38
CA TRP A 65 3.22 10.70 0.36
C TRP A 65 2.46 10.35 -0.91
N GLN A 66 3.19 10.13 -1.97
CA GLN A 66 2.59 9.90 -3.29
C GLN A 66 3.23 8.63 -3.84
N VAL A 67 2.39 7.79 -4.45
CA VAL A 67 2.84 6.55 -5.13
C VAL A 67 2.39 6.62 -6.58
N ASP A 68 3.34 6.61 -7.49
CA ASP A 68 3.09 6.42 -8.94
C ASP A 68 3.05 4.92 -9.26
N LEU A 69 2.15 4.53 -10.16
CA LEU A 69 1.98 3.09 -10.40
C LEU A 69 1.90 2.80 -11.88
N GLN A 70 2.41 1.63 -12.25
CA GLN A 70 2.26 1.04 -13.59
C GLN A 70 1.80 -0.40 -13.38
N LEU A 71 0.80 -0.84 -14.14
CA LEU A 71 0.28 -2.22 -14.03
C LEU A 71 0.64 -3.02 -15.27
N GLY A 72 1.13 -4.25 -15.07
CA GLY A 72 1.30 -5.19 -16.16
C GLY A 72 -0.03 -5.85 -16.49
N ASP A 73 -0.02 -6.69 -17.50
CA ASP A 73 -1.27 -7.36 -17.99
C ASP A 73 -1.87 -8.15 -16.81
N GLY A 74 -3.14 -7.90 -16.50
CA GLY A 74 -3.84 -8.62 -15.43
C GLY A 74 -3.34 -8.19 -14.08
N GLY A 75 -2.63 -7.08 -14.00
CA GLY A 75 -1.90 -6.67 -12.80
C GLY A 75 -2.75 -5.85 -11.86
N GLY A 76 -2.20 -5.59 -10.70
CA GLY A 76 -2.84 -4.74 -9.72
C GLY A 76 -1.88 -4.31 -8.68
N CYS A 77 -2.32 -3.34 -7.91
CA CYS A 77 -1.55 -2.92 -6.73
C CYS A 77 -2.45 -2.46 -5.62
N THR A 78 -1.88 -2.37 -4.44
CA THR A 78 -2.57 -1.93 -3.25
C THR A 78 -1.78 -0.83 -2.61
N VAL A 79 -2.43 0.28 -2.28
CA VAL A 79 -1.72 1.45 -1.74
C VAL A 79 -2.51 1.98 -0.54
N GLY A 80 -1.87 2.08 0.61
CA GLY A 80 -2.50 2.71 1.78
C GLY A 80 -1.64 2.57 2.99
N VAL A 81 -2.26 2.23 4.11
CA VAL A 81 -1.56 2.13 5.41
CA VAL A 81 -1.62 2.18 5.45
C VAL A 81 -1.95 0.83 6.10
N ALA A 82 -1.07 0.35 6.96
CA ALA A 82 -1.29 -0.88 7.73
C ALA A 82 -0.80 -0.68 9.16
N GLY A 83 -1.57 -1.19 10.12
CA GLY A 83 -1.10 -1.30 11.51
C GLY A 83 0.12 -2.18 11.59
N GLU A 84 1.01 -1.92 12.52
CA GLU A 84 2.24 -2.72 12.71
C GLU A 84 1.89 -4.19 12.96
N GLY A 85 0.74 -4.49 13.57
CA GLY A 85 0.32 -5.87 13.87
C GLY A 85 -0.19 -6.64 12.67
N VAL A 86 -0.22 -6.04 11.46
CA VAL A 86 -0.74 -6.68 10.24
C VAL A 86 -0.06 -8.05 10.02
N ARG A 87 -0.89 -9.06 9.79
CA ARG A 87 -0.46 -10.43 9.47
C ARG A 87 0.50 -10.40 8.28
N ARG A 88 1.65 -11.10 8.38
CA ARG A 88 2.63 -11.14 7.28
C ARG A 88 2.53 -12.44 6.51
N LYS A 89 1.92 -13.49 7.07
CA LYS A 89 1.98 -14.84 6.46
C LYS A 89 0.60 -15.34 6.05
N GLY A 90 0.50 -15.87 4.82
CA GLY A 90 -0.74 -16.41 4.22
C GLY A 90 -1.10 -15.67 2.94
N GLU A 91 -1.94 -16.21 2.11
CA GLU A 91 -2.32 -15.57 0.81
C GLU A 91 -3.68 -14.91 0.96
N MET A 92 -4.23 -14.95 2.14
CA MET A 92 -5.61 -14.47 2.39
C MET A 92 -5.61 -12.94 2.21
N GLY A 93 -6.51 -12.40 1.40
CA GLY A 93 -6.64 -10.95 1.22
C GLY A 93 -6.82 -10.29 2.57
N LEU A 94 -6.27 -9.11 2.73
CA LEU A 94 -6.34 -8.34 3.99
C LEU A 94 -7.38 -7.24 3.81
N SER A 95 -8.01 -6.86 4.88
CA SER A 95 -9.02 -5.77 4.84
C SER A 95 -8.80 -4.91 6.08
N ALA A 96 -9.65 -3.93 6.27
CA ALA A 96 -9.59 -3.08 7.47
C ALA A 96 -9.77 -3.91 8.74
N GLU A 97 -10.42 -5.09 8.71
CA GLU A 97 -10.45 -6.00 9.88
C GLU A 97 -9.03 -6.37 10.33
N ASP A 98 -8.13 -6.49 9.38
CA ASP A 98 -6.75 -6.96 9.59
C ASP A 98 -5.82 -5.77 9.80
N GLY A 99 -6.36 -4.56 9.80
CA GLY A 99 -5.63 -3.28 9.96
C GLY A 99 -4.92 -2.88 8.68
N VAL A 100 -5.56 -3.10 7.53
CA VAL A 100 -5.13 -2.56 6.23
C VAL A 100 -6.20 -1.63 5.70
N TRP A 101 -5.85 -0.38 5.54
CA TRP A 101 -6.72 0.68 5.01
C TRP A 101 -6.10 1.15 3.71
N ALA A 102 -6.56 0.62 2.61
CA ALA A 102 -5.88 0.78 1.32
C ALA A 102 -6.86 0.73 0.16
N VAL A 103 -6.41 1.20 -0.98
CA VAL A 103 -7.17 1.02 -2.22
CA VAL A 103 -7.12 1.11 -2.28
C VAL A 103 -6.43 0.02 -3.10
N ILE A 104 -7.21 -0.87 -3.67
CA ILE A 104 -6.74 -1.90 -4.62
C ILE A 104 -7.08 -1.39 -6.00
N ILE A 105 -6.05 -1.29 -6.84
CA ILE A 105 -6.20 -0.76 -8.21
C ILE A 105 -5.90 -1.86 -9.19
N SER A 106 -6.77 -2.06 -10.16
CA SER A 106 -6.55 -2.96 -11.30
C SER A 106 -7.13 -2.28 -12.55
N HIS A 107 -6.94 -2.85 -13.73
CA HIS A 107 -7.13 -2.06 -14.98
C HIS A 107 -8.54 -1.48 -15.11
N GLN A 108 -9.58 -2.21 -14.70
CA GLN A 108 -10.94 -1.69 -14.91
C GLN A 108 -11.60 -1.35 -13.57
N GLN A 109 -11.02 -1.75 -12.43
CA GLN A 109 -11.78 -1.81 -11.14
C GLN A 109 -10.87 -1.55 -9.95
N CYS A 110 -11.28 -0.58 -9.17
CA CYS A 110 -10.62 -0.13 -7.93
C CYS A 110 -11.57 -0.34 -6.77
N TRP A 111 -11.05 -0.74 -5.64
CA TRP A 111 -11.90 -0.95 -4.46
C TRP A 111 -11.17 -0.58 -3.19
N ALA A 112 -11.93 -0.08 -2.24
CA ALA A 112 -11.42 0.21 -0.88
C ALA A 112 -11.48 -1.04 -0.02
N SER A 113 -10.47 -1.23 0.84
CA SER A 113 -10.32 -2.40 1.71
C SER A 113 -11.20 -2.35 2.99
N THR A 114 -12.40 -1.75 2.90
CA THR A 114 -13.45 -1.91 3.94
C THR A 114 -13.77 -3.41 4.06
N SER A 115 -14.56 -3.77 5.07
CA SER A 115 -15.12 -5.12 5.21
C SER A 115 -16.64 -5.06 5.26
N PRO A 116 -17.38 -5.43 4.22
CA PRO A 116 -16.83 -5.91 2.95
C PRO A 116 -16.27 -4.78 2.09
N GLY A 117 -15.59 -5.16 1.01
CA GLY A 117 -14.91 -4.18 0.15
C GLY A 117 -15.90 -3.24 -0.53
N THR A 118 -15.46 -2.02 -0.77
CA THR A 118 -16.24 -0.98 -1.46
C THR A 118 -15.70 -0.82 -2.88
N ASP A 119 -16.51 -1.11 -3.87
CA ASP A 119 -16.15 -0.85 -5.28
CA ASP A 119 -16.15 -0.85 -5.28
C ASP A 119 -16.18 0.66 -5.51
N LEU A 120 -15.16 1.20 -6.14
CA LEU A 120 -15.11 2.68 -6.27
C LEU A 120 -15.49 3.09 -7.68
N PRO A 121 -16.55 3.90 -7.90
CA PRO A 121 -16.90 4.34 -9.24
C PRO A 121 -16.12 5.62 -9.64
N LEU A 122 -14.86 5.47 -10.02
CA LEU A 122 -13.94 6.61 -10.30
C LEU A 122 -14.11 7.05 -11.76
N SER A 123 -13.94 8.35 -12.02
CA SER A 123 -13.89 8.95 -13.37
C SER A 123 -12.84 8.20 -14.22
N GLU A 124 -11.72 7.84 -13.63
CA GLU A 124 -10.66 7.08 -14.33
C GLU A 124 -9.87 6.30 -13.30
N ILE A 125 -9.16 5.29 -13.78
CA ILE A 125 -8.16 4.52 -13.00
C ILE A 125 -6.98 5.46 -12.70
N PRO A 126 -6.53 5.60 -11.44
CA PRO A 126 -5.37 6.45 -11.16
C PRO A 126 -4.08 5.85 -11.73
N ARG A 127 -3.11 6.70 -12.11
CA ARG A 127 -1.70 6.36 -12.41
C ARG A 127 -0.78 6.83 -11.27
N GLY A 128 -1.35 7.47 -10.27
CA GLY A 128 -0.69 7.79 -9.00
C GLY A 128 -1.72 8.00 -7.91
N VAL A 129 -1.31 7.77 -6.68
CA VAL A 129 -2.19 7.91 -5.51
C VAL A 129 -1.47 8.77 -4.50
N ARG A 130 -2.16 9.80 -4.00
CA ARG A 130 -1.68 10.61 -2.87
C ARG A 130 -2.32 10.05 -1.60
N VAL A 131 -1.51 9.69 -0.63
CA VAL A 131 -1.96 9.13 0.68
C VAL A 131 -1.76 10.22 1.72
N ALA A 132 -2.80 10.55 2.50
CA ALA A 132 -2.65 11.44 3.65
C ALA A 132 -3.15 10.72 4.90
N LEU A 133 -2.27 10.58 5.89
CA LEU A 133 -2.59 10.04 7.23
C LEU A 133 -2.72 11.20 8.22
N ASP A 134 -3.81 11.24 8.97
CA ASP A 134 -3.91 12.13 10.16
C ASP A 134 -4.15 11.23 11.35
N TYR A 135 -3.12 10.97 12.13
CA TYR A 135 -3.14 9.95 13.17
C TYR A 135 -4.19 10.32 14.23
N GLU A 136 -4.18 11.56 14.71
CA GLU A 136 -5.04 11.98 15.86
C GLU A 136 -6.49 12.04 15.38
N ALA A 137 -6.72 12.34 14.10
CA ALA A 137 -8.08 12.42 13.52
C ALA A 137 -8.58 11.03 13.13
N GLY A 138 -7.68 10.03 13.12
CA GLY A 138 -7.96 8.66 12.70
C GLY A 138 -8.39 8.58 11.23
N GLN A 139 -7.77 9.35 10.32
CA GLN A 139 -8.20 9.37 8.92
C GLN A 139 -7.05 8.99 8.01
N VAL A 140 -7.38 8.25 6.97
CA VAL A 140 -6.52 7.97 5.80
C VAL A 140 -7.27 8.40 4.56
N THR A 141 -6.77 9.38 3.84
CA THR A 141 -7.46 9.91 2.64
CA THR A 141 -7.45 9.90 2.62
C THR A 141 -6.63 9.53 1.41
N LEU A 142 -7.29 9.10 0.35
CA LEU A 142 -6.60 8.74 -0.92
C LEU A 142 -7.20 9.59 -2.01
N HIS A 143 -6.33 10.20 -2.80
CA HIS A 143 -6.69 10.98 -4.01
C HIS A 143 -5.87 10.51 -5.19
N ASN A 144 -6.45 10.69 -6.37
CA ASN A 144 -5.75 10.61 -7.66
C ASN A 144 -4.68 11.72 -7.67
N ALA A 145 -3.41 11.33 -7.71
CA ALA A 145 -2.24 12.24 -7.54
C ALA A 145 -2.24 13.30 -8.65
N GLN A 146 -2.74 12.94 -9.83
CA GLN A 146 -2.60 13.75 -11.05
C GLN A 146 -3.82 14.67 -11.19
N THR A 147 -5.05 14.17 -10.95
CA THR A 147 -6.33 14.87 -11.20
C THR A 147 -6.94 15.44 -9.93
N GLN A 148 -6.47 15.02 -8.75
CA GLN A 148 -7.05 15.41 -7.43
C GLN A 148 -8.43 14.79 -7.19
N GLU A 149 -8.91 13.89 -8.05
CA GLU A 149 -10.19 13.19 -7.80
C GLU A 149 -10.09 12.47 -6.46
N PRO A 150 -11.03 12.70 -5.52
CA PRO A 150 -11.06 11.92 -4.28
C PRO A 150 -11.26 10.45 -4.61
N ILE A 151 -10.52 9.58 -3.93
CA ILE A 151 -10.66 8.10 -4.12
C ILE A 151 -11.46 7.53 -2.94
N PHE A 152 -10.99 7.74 -1.71
CA PHE A 152 -11.64 7.20 -0.52
C PHE A 152 -11.06 7.88 0.71
N THR A 153 -11.86 7.91 1.76
CA THR A 153 -11.47 8.29 3.12
C THR A 153 -11.85 7.20 4.10
N PHE A 154 -10.88 6.63 4.76
CA PHE A 154 -11.08 5.67 5.88
C PHE A 154 -11.12 6.45 7.16
N THR A 155 -12.01 6.04 8.05
CA THR A 155 -12.03 6.56 9.43
C THR A 155 -11.84 5.40 10.39
N ALA A 156 -10.85 5.53 11.26
CA ALA A 156 -10.48 4.47 12.23
C ALA A 156 -10.00 5.14 13.52
N SER A 157 -9.79 4.35 14.52
CA SER A 157 -9.08 4.72 15.75
CA SER A 157 -9.05 4.75 15.72
C SER A 157 -7.75 3.96 15.77
N PHE A 158 -6.64 4.65 15.66
CA PHE A 158 -5.32 3.99 15.62
C PHE A 158 -4.78 3.85 17.03
N SER A 159 -4.10 2.75 17.27
CA SER A 159 -3.22 2.58 18.43
C SER A 159 -1.94 1.86 17.98
N GLY A 160 -0.82 2.34 18.47
CA GLY A 160 0.52 1.94 18.05
C GLY A 160 0.84 2.44 16.66
N LYS A 161 1.86 1.87 16.04
CA LYS A 161 2.47 2.42 14.83
C LYS A 161 1.67 2.01 13.60
N VAL A 162 1.48 2.97 12.72
CA VAL A 162 0.86 2.77 11.39
CA VAL A 162 0.86 2.74 11.38
C VAL A 162 1.91 3.00 10.30
N PHE A 163 2.02 2.07 9.36
CA PHE A 163 3.07 2.08 8.33
C PHE A 163 2.45 2.29 6.95
N PRO A 164 3.12 3.03 6.06
CA PRO A 164 2.81 2.93 4.63
C PRO A 164 2.78 1.45 4.21
N PHE A 165 1.79 1.08 3.39
CA PHE A 165 1.56 -0.29 2.94
C PHE A 165 1.54 -0.26 1.43
N PHE A 166 2.18 -1.22 0.83
CA PHE A 166 2.22 -1.34 -0.66
C PHE A 166 2.10 -2.82 -1.02
N ALA A 167 1.46 -3.12 -2.14
CA ALA A 167 1.58 -4.44 -2.76
C ALA A 167 1.44 -4.25 -4.25
N VAL A 168 2.04 -5.14 -5.02
CA VAL A 168 2.02 -5.04 -6.50
C VAL A 168 2.14 -6.44 -7.10
N TRP A 169 1.41 -6.73 -8.19
CA TRP A 169 1.40 -8.09 -8.73
C TRP A 169 1.27 -8.12 -10.24
N LYS A 170 1.89 -9.15 -10.79
CA LYS A 170 2.09 -9.47 -12.23
C LYS A 170 3.29 -8.73 -12.79
N LYS A 171 3.95 -9.39 -13.73
CA LYS A 171 5.07 -8.84 -14.50
C LYS A 171 4.64 -7.53 -15.17
N GLY A 172 5.51 -6.52 -15.07
CA GLY A 172 5.24 -5.18 -15.60
C GLY A 172 4.63 -4.25 -14.59
N SER A 173 4.16 -4.76 -13.47
CA SER A 173 3.59 -3.95 -12.38
C SER A 173 4.70 -3.36 -11.50
N CYS A 174 4.63 -2.06 -11.17
CA CYS A 174 5.65 -1.46 -10.30
CA CYS A 174 5.74 -1.31 -10.50
C CYS A 174 5.13 -0.17 -9.69
N LEU A 175 5.70 0.16 -8.56
CA LEU A 175 5.33 1.35 -7.79
C LEU A 175 6.58 2.19 -7.55
N THR A 176 6.44 3.51 -7.52
CA THR A 176 7.53 4.45 -7.23
C THR A 176 7.04 5.52 -6.28
N LEU A 177 7.72 5.65 -5.16
CA LEU A 177 7.43 6.70 -4.15
C LEU A 177 7.91 8.06 -4.66
N LYS A 178 7.10 9.09 -4.39
CA LYS A 178 7.40 10.56 -4.51
C LYS A 178 6.94 11.32 -3.24
N GLY A 179 7.42 12.54 -3.05
CA GLY A 179 6.99 13.45 -1.96
C GLY A 179 5.52 13.81 -2.05
#